data_2FZM
#
_entry.id   2FZM
#
_cell.length_a   73.110
_cell.length_b   141.424
_cell.length_c   145.700
_cell.angle_alpha   90.00
_cell.angle_beta   90.00
_cell.angle_gamma   90.00
#
_symmetry.space_group_name_H-M   'I 2 2 2'
#
loop_
_entity.id
_entity.type
_entity.pdbx_description
1 polymer 'Bifunctional protein putA, Proline dehydrogenase (EC 1.5.99.8) (Proline oxidase)'
2 non-polymer 'FLAVIN-ADENINE DINUCLEOTIDE'
3 non-polymer 'SULFUR DIOXIDE'
4 water water
#
_entity_poly.entity_id   1
_entity_poly.type   'polypeptide(L)'
_entity_poly.pdbx_seq_one_letter_code
;LPQSVSRAAITAAYRRPETEAVSMLLEQARLPQPVAEQAHKLAYQLADKLRNQKNASGRAGMVQGLLQEFSLSSQEGVAL
MCLAEALLRIPDKATRDALIRDKISNGNWQSHIGRSPSLFVNAATWGLLFTGKLVSTHNEASLSRSLNRIIGKSGEPLIR
KGVDMAMRLMGEQFVTGETIAEALANARKLEEKGFRYSYDMLGEAALTAADAQAYMVSYQQAIHAIGKASNGRGIYEGPG
ISIKLSALHPRYSRAQYDRVMEELYPRLKSLTLLARQYDIGINIDAEESDRLEISLDLLEKLCFEPELAGWNGIGFVIQA
YQKRCPLVIDYLIDLATRSRRRLMIRLVKGAYWDSEIKRAQMDGLEGYPVYTRKVYTDVSYLACAKKLLAVPNLIYPQFA
THNAHTLAAIYQLAGQNYYPGQYEFQCLHGMGEPLYEQVTGKVADGKLNRPCRIYAPVGTHETLLAYLVRRLLENGANTS
FVNRIADTSLPLDELVADPVTAVEKLAQQEGQTGLPHPKIPLPRDLYGHGRDNSAGLDLANEHRLASLSSALLNSALQKW
QALPMLEQPVAAGEMSPVINPAEPSSSVDKLAAALEHHHHHH
;
_entity_poly.pdbx_strand_id   A
#
loop_
_chem_comp.id
_chem_comp.type
_chem_comp.name
_chem_comp.formula
FAD non-polymer 'FLAVIN-ADENINE DINUCLEOTIDE' 'C27 H33 N9 O15 P2'
SO2 non-polymer 'SULFUR DIOXIDE' 'O2 S'
#
# COMPACT_ATOMS: atom_id res chain seq x y z
CA GLN A 3 5.98 -11.76 -26.57
C GLN A 3 6.07 -13.08 -25.76
N SER A 4 6.81 -13.07 -24.66
CA SER A 4 7.05 -14.29 -23.87
C SER A 4 5.74 -14.94 -23.42
N VAL A 5 5.79 -16.24 -23.12
CA VAL A 5 4.61 -16.92 -22.59
C VAL A 5 3.98 -16.07 -21.47
N SER A 6 4.77 -15.74 -20.43
CA SER A 6 4.24 -15.06 -19.24
C SER A 6 3.77 -13.62 -19.53
N ARG A 7 4.47 -12.94 -20.42
CA ARG A 7 4.01 -11.62 -20.92
C ARG A 7 2.73 -11.61 -21.75
N ALA A 8 2.54 -12.64 -22.57
CA ALA A 8 1.32 -12.74 -23.36
C ALA A 8 0.15 -12.92 -22.38
N ALA A 9 0.35 -13.73 -21.35
CA ALA A 9 -0.74 -14.02 -20.45
C ALA A 9 -1.18 -12.75 -19.68
N ILE A 10 -0.24 -11.81 -19.42
CA ILE A 10 -0.56 -10.52 -18.77
C ILE A 10 -1.51 -9.74 -19.68
N THR A 11 -1.08 -9.60 -20.93
CA THR A 11 -1.87 -8.92 -21.94
C THR A 11 -3.29 -9.49 -22.08
N ALA A 12 -3.40 -10.81 -22.14
CA ALA A 12 -4.69 -11.50 -22.36
C ALA A 12 -5.67 -11.31 -21.20
N ALA A 13 -5.16 -11.08 -20.00
CA ALA A 13 -5.97 -10.83 -18.81
C ALA A 13 -6.33 -9.36 -18.53
N TYR A 14 -5.77 -8.44 -19.30
CA TYR A 14 -6.00 -7.00 -19.13
C TYR A 14 -7.40 -6.59 -18.57
N ARG A 15 -8.46 -6.95 -19.26
CA ARG A 15 -9.81 -6.51 -18.94
C ARG A 15 -10.79 -7.67 -18.95
N ARG A 16 -10.33 -8.85 -18.56
CA ARG A 16 -11.20 -10.01 -18.56
C ARG A 16 -12.43 -9.87 -17.62
N PRO A 17 -13.55 -10.45 -18.04
CA PRO A 17 -14.80 -10.32 -17.30
C PRO A 17 -14.64 -10.63 -15.81
N GLU A 18 -15.34 -9.86 -14.99
CA GLU A 18 -15.15 -9.89 -13.57
C GLU A 18 -15.61 -11.23 -12.96
N THR A 19 -16.69 -11.82 -13.47
CA THR A 19 -17.12 -13.11 -12.96
C THR A 19 -16.02 -14.19 -13.14
N GLU A 20 -15.36 -14.11 -14.29
CA GLU A 20 -14.30 -15.03 -14.67
C GLU A 20 -13.03 -14.81 -13.84
N ALA A 21 -12.63 -13.57 -13.69
CA ALA A 21 -11.42 -13.24 -12.93
C ALA A 21 -11.60 -13.65 -11.49
N VAL A 22 -12.76 -13.35 -10.93
CA VAL A 22 -12.97 -13.53 -9.49
C VAL A 22 -13.13 -15.02 -9.17
N SER A 23 -13.78 -15.77 -10.08
CA SER A 23 -13.94 -17.21 -9.96
C SER A 23 -12.62 -17.97 -9.93
N MET A 24 -11.71 -17.58 -10.82
CA MET A 24 -10.34 -18.15 -10.83
C MET A 24 -9.53 -17.82 -9.57
N LEU A 25 -9.72 -16.65 -8.96
CA LEU A 25 -8.96 -16.29 -7.74
C LEU A 25 -9.45 -16.97 -6.47
N LEU A 26 -10.70 -17.42 -6.48
CA LEU A 26 -11.38 -17.73 -5.24
C LEU A 26 -10.67 -18.83 -4.47
N GLU A 27 -10.35 -19.93 -5.14
CA GLU A 27 -9.75 -21.06 -4.45
C GLU A 27 -8.30 -20.80 -4.10
N GLN A 28 -7.62 -19.96 -4.88
CA GLN A 28 -6.25 -19.56 -4.56
C GLN A 28 -6.19 -18.65 -3.32
N ALA A 29 -7.29 -17.96 -2.99
CA ALA A 29 -7.31 -17.05 -1.84
C ALA A 29 -7.96 -17.62 -0.59
N ARG A 30 -8.67 -18.74 -0.75
CA ARG A 30 -9.37 -19.35 0.38
C ARG A 30 -8.38 -19.75 1.45
N LEU A 31 -8.61 -19.28 2.66
CA LEU A 31 -7.80 -19.68 3.78
C LEU A 31 -8.31 -21.05 4.26
N PRO A 32 -7.42 -22.03 4.36
CA PRO A 32 -7.81 -23.32 4.95
C PRO A 32 -8.50 -23.09 6.31
N GLN A 33 -9.60 -23.79 6.57
CA GLN A 33 -10.42 -23.64 7.79
C GLN A 33 -9.70 -23.22 9.09
N PRO A 34 -8.73 -24.03 9.53
CA PRO A 34 -7.96 -23.73 10.75
C PRO A 34 -7.22 -22.40 10.66
N VAL A 35 -6.54 -22.15 9.55
CA VAL A 35 -5.89 -20.86 9.30
C VAL A 35 -6.92 -19.71 9.28
N ALA A 36 -8.06 -19.90 8.60
CA ALA A 36 -9.12 -18.88 8.53
C ALA A 36 -9.58 -18.38 9.89
N GLU A 37 -9.71 -19.30 10.84
CA GLU A 37 -10.14 -18.98 12.20
C GLU A 37 -9.05 -18.35 13.06
N GLN A 38 -7.82 -18.80 12.92
CA GLN A 38 -6.72 -18.08 13.56
C GLN A 38 -6.63 -16.65 13.00
N ALA A 39 -6.96 -16.47 11.73
CA ALA A 39 -6.87 -15.16 11.10
C ALA A 39 -8.01 -14.27 11.58
N HIS A 40 -9.20 -14.85 11.67
CA HIS A 40 -10.36 -14.18 12.28
C HIS A 40 -10.05 -13.75 13.73
N LYS A 41 -9.48 -14.64 14.53
CA LYS A 41 -9.22 -14.34 15.93
C LYS A 41 -8.24 -13.17 16.05
N LEU A 42 -7.14 -13.23 15.30
CA LEU A 42 -6.10 -12.20 15.35
C LEU A 42 -6.61 -10.87 14.77
N ALA A 43 -7.35 -10.94 13.67
CA ALA A 43 -7.96 -9.74 13.08
C ALA A 43 -8.89 -9.06 14.09
N TYR A 44 -9.71 -9.87 14.75
CA TYR A 44 -10.65 -9.37 15.73
C TYR A 44 -9.90 -8.62 16.85
N GLN A 45 -8.83 -9.21 17.38
CA GLN A 45 -8.02 -8.61 18.45
C GLN A 45 -7.43 -7.29 18.02
N LEU A 46 -6.77 -7.29 16.87
CA LEU A 46 -6.09 -6.10 16.37
C LEU A 46 -7.06 -4.95 16.20
N ALA A 47 -8.23 -5.22 15.62
CA ALA A 47 -9.25 -4.19 15.40
C ALA A 47 -9.91 -3.73 16.74
N ASP A 48 -10.18 -4.67 17.64
CA ASP A 48 -10.63 -4.35 19.00
C ASP A 48 -9.72 -3.29 19.66
N LYS A 49 -8.43 -3.62 19.81
CA LYS A 49 -7.47 -2.72 20.42
C LYS A 49 -7.42 -1.37 19.72
N LEU A 50 -7.59 -1.38 18.41
CA LEU A 50 -7.50 -0.16 17.61
C LEU A 50 -8.68 0.78 17.92
N ARG A 51 -9.88 0.24 17.80
CA ARG A 51 -11.13 0.94 18.07
C ARG A 51 -11.17 1.46 19.50
N ASN A 52 -10.72 0.62 20.43
CA ASN A 52 -10.86 0.85 21.86
C ASN A 52 -9.54 1.24 22.48
N GLN A 53 -8.84 2.17 21.84
CA GLN A 53 -7.49 2.57 22.26
C GLN A 53 -7.51 3.25 23.65
N LYS A 54 -8.26 4.35 23.76
CA LYS A 54 -8.48 5.02 25.04
C LYS A 54 -9.88 4.67 25.59
N ASN A 55 -10.26 3.40 25.46
CA ASN A 55 -11.58 2.91 25.91
C ASN A 55 -12.75 3.63 25.20
N ALA A 56 -12.67 3.76 23.88
CA ALA A 56 -13.68 4.52 23.12
C ALA A 56 -15.00 3.78 22.90
N SER A 57 -15.04 2.47 23.16
CA SER A 57 -16.28 1.69 23.10
C SER A 57 -16.88 1.42 24.48
N GLY A 58 -16.04 1.20 25.49
CA GLY A 58 -16.49 1.05 26.86
C GLY A 58 -17.09 2.32 27.45
N ARG A 59 -16.62 3.47 26.97
CA ARG A 59 -17.20 4.78 27.27
C ARG A 59 -18.51 4.94 26.51
N ALA A 60 -18.54 4.41 25.28
CA ALA A 60 -19.77 4.31 24.49
C ALA A 60 -20.85 3.45 25.17
N GLY A 61 -20.45 2.60 26.12
CA GLY A 61 -21.38 1.81 26.90
C GLY A 61 -22.03 2.52 28.09
N MET A 62 -22.13 3.85 28.03
CA MET A 62 -22.81 4.64 29.05
C MET A 62 -23.75 5.67 28.40
N GLY A 77 -29.00 14.12 27.31
CA GLY A 77 -27.82 13.44 27.81
C GLY A 77 -26.66 14.39 28.04
N VAL A 78 -26.32 15.17 27.01
CA VAL A 78 -25.24 16.16 27.08
C VAL A 78 -25.57 17.31 28.03
N ALA A 79 -26.85 17.70 28.10
CA ALA A 79 -27.29 18.70 29.07
C ALA A 79 -26.99 18.25 30.50
N LEU A 80 -27.37 17.01 30.80
CA LEU A 80 -27.14 16.42 32.11
C LEU A 80 -25.66 16.50 32.53
N MET A 81 -24.76 16.24 31.58
CA MET A 81 -23.32 16.09 31.87
C MET A 81 -22.65 17.39 32.27
N CYS A 82 -23.02 18.50 31.62
CA CYS A 82 -22.46 19.82 31.96
C CYS A 82 -22.84 20.23 33.38
N LEU A 83 -24.02 19.76 33.81
CA LEU A 83 -24.52 19.98 35.16
C LEU A 83 -23.72 19.14 36.14
N ALA A 84 -23.47 17.88 35.77
CA ALA A 84 -22.64 16.99 36.56
C ALA A 84 -21.17 17.47 36.64
N GLU A 85 -20.69 18.13 35.59
CA GLU A 85 -19.33 18.65 35.50
C GLU A 85 -19.15 19.88 36.39
N ALA A 86 -20.14 20.78 36.38
CA ALA A 86 -20.13 22.00 37.19
C ALA A 86 -20.36 21.68 38.66
N LEU A 87 -21.11 20.62 38.92
CA LEU A 87 -21.31 20.12 40.28
C LEU A 87 -19.99 19.56 40.86
N LEU A 88 -19.18 18.93 40.02
CA LEU A 88 -17.88 18.38 40.41
C LEU A 88 -16.77 19.45 40.57
N ARG A 89 -17.02 20.69 40.16
CA ARG A 89 -16.07 21.79 40.40
C ARG A 89 -16.30 22.49 41.74
N ILE A 90 -17.39 22.13 42.42
CA ILE A 90 -17.64 22.56 43.78
C ILE A 90 -16.73 21.73 44.70
N PRO A 91 -15.71 22.37 45.28
CA PRO A 91 -14.65 21.65 46.00
C PRO A 91 -15.11 20.82 47.21
N ASP A 92 -16.19 21.23 47.86
CA ASP A 92 -16.64 20.56 49.09
C ASP A 92 -17.87 19.71 48.84
N LYS A 93 -17.76 18.44 49.25
CA LYS A 93 -18.80 17.43 49.02
C LYS A 93 -20.13 17.79 49.70
N ALA A 94 -20.06 18.45 50.86
CA ALA A 94 -21.26 18.82 51.61
C ALA A 94 -22.00 19.89 50.85
N THR A 95 -21.30 20.98 50.55
CA THR A 95 -21.85 22.09 49.78
C THR A 95 -22.57 21.57 48.54
N ARG A 96 -21.93 20.62 47.83
CA ARG A 96 -22.51 19.98 46.64
C ARG A 96 -23.75 19.12 46.92
N ASP A 97 -23.68 18.26 47.94
CA ASP A 97 -24.79 17.38 48.35
C ASP A 97 -26.07 18.17 48.70
N ALA A 98 -25.94 19.14 49.60
CA ALA A 98 -27.04 20.04 50.00
C ALA A 98 -27.68 20.72 48.80
N LEU A 99 -26.83 21.18 47.88
CA LEU A 99 -27.27 21.77 46.61
C LEU A 99 -27.67 20.66 45.63
N ILE A 159 -11.16 30.97 -3.45
CA ILE A 159 -11.34 29.58 -3.83
C ILE A 159 -9.98 28.90 -4.09
N ARG A 160 -9.07 29.57 -4.78
CA ARG A 160 -7.72 29.06 -5.03
C ARG A 160 -6.85 29.06 -3.76
N LYS A 161 -7.09 30.03 -2.86
CA LYS A 161 -6.38 30.13 -1.58
C LYS A 161 -6.97 29.22 -0.50
N GLY A 162 -8.26 28.90 -0.61
CA GLY A 162 -8.92 28.01 0.33
C GLY A 162 -8.63 26.54 0.07
N VAL A 163 -8.47 26.19 -1.20
CA VAL A 163 -8.11 24.85 -1.62
C VAL A 163 -6.67 24.57 -1.21
N ASP A 164 -5.80 25.52 -1.51
CA ASP A 164 -4.40 25.42 -1.14
C ASP A 164 -4.23 25.27 0.39
N MET A 165 -5.03 26.01 1.16
CA MET A 165 -4.94 26.02 2.62
C MET A 165 -5.42 24.70 3.23
N ALA A 166 -6.65 24.33 2.92
CA ALA A 166 -7.22 23.04 3.33
C ALA A 166 -6.31 21.87 2.96
N MET A 167 -5.65 21.96 1.81
CA MET A 167 -4.73 20.94 1.34
C MET A 167 -3.56 20.73 2.29
N ARG A 168 -2.87 21.81 2.63
CA ARG A 168 -1.74 21.71 3.55
C ARG A 168 -2.18 21.35 4.99
N LEU A 169 -3.39 21.73 5.37
CA LEU A 169 -3.92 21.45 6.71
C LEU A 169 -4.26 19.96 6.85
N MET A 170 -4.86 19.35 5.83
CA MET A 170 -5.23 17.95 5.92
C MET A 170 -4.04 17.03 5.64
N GLY A 171 -3.05 17.57 4.93
CA GLY A 171 -1.94 16.81 4.38
C GLY A 171 -0.73 16.68 5.29
N GLU A 172 -0.61 17.56 6.27
CA GLU A 172 0.52 17.58 7.20
C GLU A 172 0.72 16.24 7.91
N GLN A 173 -0.37 15.55 8.26
CA GLN A 173 -0.31 14.25 8.94
C GLN A 173 0.33 13.16 8.06
N PHE A 174 0.27 13.32 6.75
CA PHE A 174 0.81 12.36 5.81
C PHE A 174 2.24 12.64 5.39
N VAL A 175 2.80 13.77 5.80
CA VAL A 175 4.15 14.14 5.42
C VAL A 175 5.14 13.96 6.57
N THR A 176 6.21 13.22 6.35
CA THR A 176 7.17 13.00 7.42
C THR A 176 8.12 14.18 7.59
N GLY A 177 8.34 14.93 6.52
CA GLY A 177 9.15 16.14 6.58
C GLY A 177 9.30 16.84 5.23
N GLU A 178 9.78 18.08 5.23
CA GLU A 178 9.90 18.89 3.99
C GLU A 178 11.19 18.63 3.21
N THR A 179 12.22 18.17 3.91
CA THR A 179 13.48 17.84 3.25
C THR A 179 13.91 16.46 3.70
N ILE A 180 14.74 15.82 2.91
CA ILE A 180 15.11 14.46 3.24
C ILE A 180 15.84 14.41 4.60
N ALA A 181 16.67 15.41 4.88
CA ALA A 181 17.40 15.49 6.16
C ALA A 181 16.45 15.66 7.36
N GLU A 182 15.40 16.46 7.19
CA GLU A 182 14.39 16.58 8.22
C GLU A 182 13.69 15.22 8.45
N ALA A 183 13.24 14.58 7.36
CA ALA A 183 12.69 13.21 7.44
C ALA A 183 13.68 12.18 8.00
N LEU A 184 14.94 12.24 7.59
CA LEU A 184 15.94 11.28 8.09
C LEU A 184 16.20 11.41 9.60
N ALA A 185 16.11 12.62 10.13
CA ALA A 185 16.39 12.86 11.54
C ALA A 185 15.21 12.41 12.41
N ASN A 186 14.01 12.37 11.83
CA ASN A 186 12.85 11.83 12.55
C ASN A 186 12.79 10.28 12.54
N ALA A 187 13.85 9.63 12.04
CA ALA A 187 13.80 8.21 11.69
C ALA A 187 14.07 7.30 12.87
N ARG A 188 14.90 7.78 13.78
CA ARG A 188 15.43 6.97 14.89
C ARG A 188 14.35 6.47 15.85
N LYS A 189 13.39 7.32 16.19
CA LYS A 189 12.37 6.97 17.20
C LYS A 189 11.69 5.64 16.84
N LEU A 190 11.08 5.58 15.66
CA LEU A 190 10.41 4.34 15.24
C LEU A 190 11.41 3.24 14.83
N GLU A 191 12.55 3.61 14.29
CA GLU A 191 13.61 2.65 14.01
C GLU A 191 14.17 2.01 15.28
N GLU A 192 14.09 2.70 16.42
CA GLU A 192 14.54 2.13 17.71
C GLU A 192 13.73 0.88 18.01
N LYS A 193 12.43 0.93 17.63
CA LYS A 193 11.44 -0.11 17.92
C LYS A 193 11.35 -1.21 16.89
N GLY A 194 12.10 -1.11 15.79
CA GLY A 194 12.08 -2.12 14.73
C GLY A 194 11.32 -1.77 13.46
N PHE A 195 10.94 -0.50 13.28
CA PHE A 195 10.36 -0.05 12.04
C PHE A 195 11.47 0.20 11.04
N ARG A 196 11.15 0.03 9.76
CA ARG A 196 11.99 0.54 8.70
C ARG A 196 11.24 1.66 7.95
N TYR A 197 11.94 2.32 7.02
CA TYR A 197 11.38 3.41 6.23
C TYR A 197 11.69 3.24 4.75
N SER A 198 10.75 3.70 3.92
CA SER A 198 10.95 3.94 2.51
C SER A 198 10.58 5.39 2.21
N TYR A 199 11.57 6.19 1.86
CA TYR A 199 11.31 7.60 1.59
C TYR A 199 10.89 7.83 0.17
N ASP A 200 9.89 8.68 0.03
CA ASP A 200 9.32 9.05 -1.24
C ASP A 200 9.40 10.57 -1.42
N MET A 201 10.21 11.03 -2.36
CA MET A 201 10.28 12.48 -2.63
C MET A 201 9.06 12.88 -3.46
N LEU A 202 8.07 13.45 -2.79
CA LEU A 202 6.81 13.83 -3.45
C LEU A 202 7.00 14.58 -4.77
N GLY A 203 6.05 14.38 -5.66
CA GLY A 203 6.12 14.94 -7.00
C GLY A 203 5.94 13.83 -8.02
N GLU A 204 5.14 14.12 -9.05
CA GLU A 204 4.85 13.14 -10.10
C GLU A 204 4.35 13.84 -11.36
N ALA A 205 4.17 13.07 -12.42
CA ALA A 205 3.61 13.58 -13.66
C ALA A 205 4.31 14.89 -14.11
N ALA A 206 5.64 14.86 -14.16
CA ALA A 206 6.43 15.96 -14.71
C ALA A 206 5.89 16.32 -16.08
N LEU A 207 5.62 17.62 -16.29
CA LEU A 207 5.10 18.12 -17.57
C LEU A 207 6.19 18.54 -18.53
N THR A 208 7.34 18.99 -18.03
CA THR A 208 8.45 19.48 -18.88
C THR A 208 9.78 18.79 -18.63
N ALA A 209 10.72 19.00 -19.54
CA ALA A 209 12.08 18.45 -19.46
C ALA A 209 12.75 18.93 -18.20
N ALA A 210 12.53 20.20 -17.89
CA ALA A 210 13.07 20.85 -16.71
C ALA A 210 12.53 20.22 -15.42
N ASP A 211 11.22 19.97 -15.36
CA ASP A 211 10.62 19.30 -14.20
C ASP A 211 11.23 17.91 -13.91
N ALA A 212 11.42 17.14 -14.98
CA ALA A 212 11.92 15.77 -14.91
C ALA A 212 13.36 15.74 -14.48
N GLN A 213 14.11 16.74 -14.92
CA GLN A 213 15.47 17.00 -14.46
C GLN A 213 15.50 17.36 -12.97
N ALA A 214 14.64 18.28 -12.55
CA ALA A 214 14.58 18.67 -11.14
C ALA A 214 14.24 17.48 -10.20
N TYR A 215 13.31 16.61 -10.63
CA TYR A 215 12.97 15.42 -9.85
C TYR A 215 14.15 14.48 -9.82
N MET A 216 14.84 14.35 -10.95
CA MET A 216 16.01 13.49 -11.07
C MET A 216 17.08 13.87 -10.05
N VAL A 217 17.33 15.18 -9.89
CA VAL A 217 18.38 15.69 -9.00
C VAL A 217 17.91 15.54 -7.56
N SER A 218 16.65 15.82 -7.29
CA SER A 218 16.10 15.63 -5.94
C SER A 218 16.18 14.14 -5.47
N TYR A 219 15.99 13.19 -6.40
CA TYR A 219 16.12 11.74 -6.10
C TYR A 219 17.58 11.34 -5.77
N GLN A 220 18.52 11.85 -6.59
CA GLN A 220 19.96 11.63 -6.37
C GLN A 220 20.42 12.12 -5.00
N GLN A 221 20.03 13.34 -4.68
CA GLN A 221 20.30 13.93 -3.37
C GLN A 221 19.72 13.07 -2.25
N ALA A 222 18.52 12.55 -2.45
CA ALA A 222 17.82 11.73 -1.45
C ALA A 222 18.56 10.42 -1.23
N ILE A 223 19.01 9.81 -2.32
CA ILE A 223 19.78 8.58 -2.19
C ILE A 223 21.07 8.77 -1.40
N HIS A 224 21.85 9.82 -1.73
CA HIS A 224 23.07 10.13 -0.99
C HIS A 224 22.73 10.27 0.48
N ALA A 225 21.73 11.07 0.81
CA ALA A 225 21.36 11.27 2.19
C ALA A 225 20.84 9.98 2.88
N ILE A 226 20.04 9.17 2.18
CA ILE A 226 19.47 7.94 2.77
C ILE A 226 20.56 6.92 2.96
N GLY A 227 21.34 6.71 1.90
CA GLY A 227 22.50 5.83 1.95
C GLY A 227 23.51 6.12 3.05
N LYS A 228 23.76 7.40 3.35
CA LYS A 228 24.68 7.77 4.41
C LYS A 228 24.05 7.45 5.75
N ALA A 229 22.77 7.73 5.92
CA ALA A 229 22.14 7.31 7.18
C ALA A 229 22.05 5.77 7.30
N SER A 230 21.85 5.05 6.20
CA SER A 230 21.78 3.58 6.21
C SER A 230 23.09 3.02 6.76
N ASN A 231 24.20 3.56 6.25
CA ASN A 231 25.53 3.26 6.82
C ASN A 231 25.79 1.75 6.90
N GLY A 232 25.51 1.07 5.79
CA GLY A 232 25.76 -0.36 5.63
C GLY A 232 24.73 -1.32 6.23
N ARG A 233 23.62 -0.81 6.75
CA ARG A 233 22.61 -1.66 7.38
C ARG A 233 21.94 -2.63 6.41
N GLY A 234 22.00 -2.31 5.12
CA GLY A 234 21.58 -3.17 4.04
C GLY A 234 20.12 -2.95 3.62
N ILE A 235 19.68 -3.72 2.64
CA ILE A 235 18.39 -3.49 2.01
C ILE A 235 17.21 -3.87 2.87
N TYR A 236 17.37 -4.81 3.79
CA TYR A 236 16.24 -5.25 4.58
C TYR A 236 16.09 -4.40 5.83
N GLU A 237 17.17 -4.21 6.57
CA GLU A 237 17.13 -3.49 7.86
C GLU A 237 17.19 -1.98 7.70
N GLY A 238 17.95 -1.52 6.72
CA GLY A 238 18.10 -0.10 6.50
C GLY A 238 17.04 0.50 5.59
N PRO A 239 17.03 1.83 5.55
CA PRO A 239 16.08 2.58 4.73
C PRO A 239 16.24 2.41 3.22
N GLY A 240 15.16 2.60 2.50
CA GLY A 240 15.18 2.57 1.05
C GLY A 240 14.51 3.83 0.50
N ILE A 241 14.45 3.89 -0.82
CA ILE A 241 13.81 4.96 -1.54
C ILE A 241 12.76 4.40 -2.49
N SER A 242 11.68 5.12 -2.72
CA SER A 242 10.69 4.75 -3.73
C SER A 242 10.70 5.84 -4.81
N ILE A 243 10.55 5.48 -6.09
CA ILE A 243 10.58 6.45 -7.17
C ILE A 243 9.35 6.28 -8.05
N LYS A 244 8.88 7.40 -8.61
CA LYS A 244 7.77 7.42 -9.55
C LYS A 244 8.38 7.64 -10.90
N LEU A 245 8.22 6.65 -11.77
CA LEU A 245 8.66 6.80 -13.15
C LEU A 245 8.08 8.05 -13.85
N SER A 246 6.83 8.40 -13.55
CA SER A 246 6.21 9.60 -14.09
C SER A 246 6.96 10.88 -13.70
N ALA A 247 7.71 10.85 -12.62
CA ALA A 247 8.50 12.04 -12.23
C ALA A 247 9.74 12.23 -13.12
N LEU A 248 10.13 11.18 -13.83
CA LEU A 248 11.43 11.12 -14.49
C LEU A 248 11.40 11.39 -16.00
N HIS A 249 10.22 11.39 -16.58
CA HIS A 249 10.04 11.55 -18.00
C HIS A 249 8.86 12.52 -18.20
N PRO A 250 9.06 13.57 -18.99
CA PRO A 250 8.00 14.57 -19.18
C PRO A 250 6.85 13.96 -19.94
N ARG A 251 5.62 14.18 -19.50
CA ARG A 251 4.45 13.66 -20.18
C ARG A 251 4.46 12.16 -20.31
N TYR A 252 5.01 11.49 -19.28
CA TYR A 252 5.02 10.03 -19.17
C TYR A 252 3.70 9.42 -19.54
N SER A 253 2.57 10.02 -19.13
CA SER A 253 1.26 9.39 -19.33
C SER A 253 0.99 8.98 -20.78
N ARG A 254 1.56 9.73 -21.73
CA ARG A 254 1.36 9.48 -23.15
C ARG A 254 2.63 9.11 -23.91
N ALA A 255 3.76 8.97 -23.23
CA ALA A 255 5.05 8.76 -23.92
C ALA A 255 5.13 7.42 -24.68
N GLN A 256 5.83 7.47 -25.80
CA GLN A 256 6.00 6.29 -26.63
C GLN A 256 7.15 5.44 -26.09
N TYR A 257 7.11 4.15 -26.39
CA TYR A 257 8.12 3.18 -25.96
C TYR A 257 9.57 3.61 -26.24
N ASP A 258 9.87 4.05 -27.45
CA ASP A 258 11.24 4.39 -27.86
C ASP A 258 11.81 5.58 -27.10
N ARG A 259 11.00 6.61 -26.88
CA ARG A 259 11.47 7.79 -26.16
C ARG A 259 11.71 7.48 -24.66
N VAL A 260 10.89 6.60 -24.08
CA VAL A 260 11.03 6.18 -22.69
C VAL A 260 12.34 5.42 -22.51
N MET A 261 12.64 4.51 -23.42
CA MET A 261 13.89 3.74 -23.36
C MET A 261 15.15 4.59 -23.53
N GLU A 262 15.14 5.49 -24.51
CA GLU A 262 16.29 6.35 -24.77
C GLU A 262 16.52 7.34 -23.63
N GLU A 263 15.44 7.82 -23.01
CA GLU A 263 15.49 8.93 -22.05
C GLU A 263 15.19 8.54 -20.60
N LEU A 264 14.09 7.83 -20.36
CA LEU A 264 13.78 7.44 -18.98
C LEU A 264 14.78 6.40 -18.45
N TYR A 265 15.00 5.35 -19.23
CA TYR A 265 15.78 4.20 -18.79
C TYR A 265 17.15 4.57 -18.25
N PRO A 266 17.94 5.40 -18.95
CA PRO A 266 19.24 5.78 -18.38
C PRO A 266 19.12 6.47 -17.03
N ARG A 267 18.04 7.22 -16.79
CA ARG A 267 17.88 7.80 -15.45
C ARG A 267 17.51 6.77 -14.35
N LEU A 268 16.67 5.81 -14.69
CA LEU A 268 16.32 4.75 -13.78
C LEU A 268 17.58 3.93 -13.48
N LYS A 269 18.28 3.52 -14.54
CA LYS A 269 19.55 2.81 -14.39
C LYS A 269 20.55 3.53 -13.49
N SER A 270 20.65 4.83 -13.64
CA SER A 270 21.59 5.63 -12.89
C SER A 270 21.24 5.73 -11.40
N LEU A 271 19.97 5.92 -11.08
CA LEU A 271 19.55 6.01 -9.67
C LEU A 271 19.69 4.65 -8.97
N THR A 272 19.52 3.59 -9.77
CA THR A 272 19.58 2.23 -9.26
C THR A 272 21.05 1.87 -8.95
N LEU A 273 22.00 2.22 -9.82
CA LEU A 273 23.43 2.02 -9.53
C LEU A 273 23.87 2.78 -8.29
N LEU A 274 23.38 3.99 -8.15
CA LEU A 274 23.65 4.75 -6.94
C LEU A 274 23.12 4.03 -5.71
N ALA A 275 21.89 3.52 -5.78
CA ALA A 275 21.25 2.87 -4.63
C ALA A 275 22.06 1.65 -4.20
N ARG A 276 22.57 0.96 -5.21
CA ARG A 276 23.37 -0.22 -5.00
C ARG A 276 24.72 0.10 -4.40
N GLN A 277 25.30 1.26 -4.74
CA GLN A 277 26.59 1.63 -4.16
C GLN A 277 26.41 1.81 -2.69
N TYR A 278 25.25 2.32 -2.28
CA TYR A 278 24.98 2.49 -0.87
C TYR A 278 24.32 1.27 -0.25
N ASP A 279 24.01 0.26 -1.07
CA ASP A 279 23.27 -0.92 -0.63
C ASP A 279 21.93 -0.59 0.04
N ILE A 280 21.10 0.24 -0.60
CA ILE A 280 19.75 0.49 -0.12
C ILE A 280 18.74 0.00 -1.14
N GLY A 281 17.55 -0.35 -0.65
CA GLY A 281 16.45 -0.76 -1.52
C GLY A 281 15.97 0.40 -2.36
N ILE A 282 15.63 0.12 -3.60
CA ILE A 282 15.07 1.12 -4.49
C ILE A 282 13.89 0.50 -5.18
N ASN A 283 12.72 1.03 -4.84
CA ASN A 283 11.43 0.55 -5.26
C ASN A 283 10.79 1.43 -6.35
N ILE A 284 10.28 0.80 -7.40
CA ILE A 284 9.55 1.47 -8.47
C ILE A 284 8.04 1.45 -8.18
N ASP A 285 7.46 2.60 -7.86
CA ASP A 285 6.04 2.71 -7.55
C ASP A 285 5.14 2.36 -8.73
N ALA A 286 3.96 1.85 -8.42
CA ALA A 286 2.94 1.57 -9.45
C ALA A 286 1.99 2.75 -9.53
N GLU A 287 1.68 3.17 -10.75
CA GLU A 287 0.79 4.32 -11.00
C GLU A 287 -0.44 3.83 -11.81
N GLU A 288 -0.84 4.52 -12.86
CA GLU A 288 -2.08 4.23 -13.56
C GLU A 288 -1.86 2.97 -14.37
N SER A 289 -2.92 2.23 -14.68
CA SER A 289 -2.78 0.93 -15.35
C SER A 289 -2.25 0.94 -16.79
N ASP A 290 -2.46 2.05 -17.51
CA ASP A 290 -1.96 2.20 -18.88
C ASP A 290 -0.44 2.19 -18.88
N ARG A 291 0.15 2.46 -17.72
CA ARG A 291 1.62 2.46 -17.58
C ARG A 291 2.25 1.11 -17.16
N LEU A 292 1.47 0.08 -16.84
CA LEU A 292 2.06 -1.18 -16.41
C LEU A 292 3.02 -1.82 -17.42
N GLU A 293 2.57 -1.95 -18.67
CA GLU A 293 3.35 -2.63 -19.71
C GLU A 293 4.75 -2.03 -19.88
N ILE A 294 4.84 -0.71 -19.91
CA ILE A 294 6.15 -0.07 -20.09
C ILE A 294 7.05 -0.18 -18.84
N SER A 295 6.47 -0.07 -17.65
CA SER A 295 7.21 -0.30 -16.42
C SER A 295 7.79 -1.70 -16.40
N LEU A 296 7.07 -2.70 -16.90
CA LEU A 296 7.59 -4.07 -16.99
C LEU A 296 8.80 -4.16 -17.95
N ASP A 297 8.75 -3.39 -19.04
CA ASP A 297 9.84 -3.34 -20.02
C ASP A 297 11.07 -2.72 -19.45
N LEU A 298 10.90 -1.66 -18.69
CA LEU A 298 12.00 -0.99 -18.01
C LEU A 298 12.61 -1.89 -16.92
N LEU A 299 11.75 -2.56 -16.15
CA LEU A 299 12.16 -3.53 -15.16
C LEU A 299 13.00 -4.66 -15.78
N GLU A 300 12.52 -5.26 -16.86
CA GLU A 300 13.20 -6.37 -17.56
C GLU A 300 14.64 -6.00 -17.88
N LYS A 301 14.85 -4.80 -18.41
CA LYS A 301 16.19 -4.33 -18.77
C LYS A 301 17.03 -4.04 -17.52
N LEU A 302 16.45 -3.41 -16.53
CA LEU A 302 17.21 -3.03 -15.35
C LEU A 302 17.77 -4.30 -14.68
N CYS A 303 17.03 -5.40 -14.70
CA CYS A 303 17.46 -6.63 -14.03
C CYS A 303 18.62 -7.35 -14.72
N PHE A 304 19.02 -6.88 -15.90
CA PHE A 304 20.08 -7.58 -16.64
C PHE A 304 21.32 -6.70 -16.79
N GLU A 305 21.31 -5.56 -16.09
CA GLU A 305 22.48 -4.71 -16.02
C GLU A 305 23.60 -5.46 -15.31
N PRO A 306 24.74 -5.64 -15.98
CA PRO A 306 25.90 -6.29 -15.35
C PRO A 306 26.30 -5.66 -14.03
N GLU A 307 26.18 -4.35 -13.87
CA GLU A 307 26.61 -3.69 -12.62
C GLU A 307 25.70 -4.03 -11.44
N LEU A 308 24.51 -4.54 -11.74
CA LEU A 308 23.57 -4.92 -10.71
C LEU A 308 23.54 -6.43 -10.49
N ALA A 309 24.41 -7.19 -11.14
CA ALA A 309 24.40 -8.63 -10.95
C ALA A 309 24.68 -8.99 -9.48
N GLY A 310 23.93 -9.96 -8.95
CA GLY A 310 24.11 -10.39 -7.58
C GLY A 310 23.53 -9.46 -6.53
N TRP A 311 22.89 -8.35 -6.96
CA TRP A 311 22.33 -7.40 -5.99
C TRP A 311 20.80 -7.52 -5.97
N ASN A 312 20.20 -7.64 -4.81
CA ASN A 312 18.76 -7.99 -4.70
C ASN A 312 17.98 -6.81 -4.16
N GLY A 313 18.50 -5.61 -4.38
CA GLY A 313 17.87 -4.38 -3.89
C GLY A 313 16.81 -3.74 -4.78
N ILE A 314 16.56 -4.28 -5.98
CA ILE A 314 15.55 -3.73 -6.86
C ILE A 314 14.15 -4.15 -6.35
N GLY A 315 13.25 -3.18 -6.22
CA GLY A 315 11.89 -3.43 -5.81
C GLY A 315 10.89 -2.84 -6.77
N PHE A 316 9.68 -3.38 -6.72
CA PHE A 316 8.67 -3.12 -7.72
C PHE A 316 7.31 -3.30 -7.06
N VAL A 317 6.36 -2.42 -7.33
CA VAL A 317 5.06 -2.49 -6.71
C VAL A 317 4.11 -3.14 -7.69
N ILE A 318 3.25 -4.04 -7.19
CA ILE A 318 2.12 -4.57 -7.93
C ILE A 318 0.80 -4.30 -7.21
N GLN A 319 -0.26 -4.07 -7.99
CA GLN A 319 -1.58 -3.61 -7.52
C GLN A 319 -2.61 -4.70 -7.66
N ALA A 320 -3.10 -5.22 -6.54
CA ALA A 320 -4.04 -6.32 -6.50
C ALA A 320 -5.43 -6.02 -7.09
N TYR A 321 -5.80 -4.74 -7.19
CA TYR A 321 -7.10 -4.39 -7.80
C TYR A 321 -7.08 -4.61 -9.30
N GLN A 322 -5.90 -4.84 -9.86
CA GLN A 322 -5.82 -5.14 -11.29
C GLN A 322 -6.06 -6.61 -11.57
N LYS A 323 -6.82 -6.89 -12.61
CA LYS A 323 -7.03 -8.24 -13.10
C LYS A 323 -5.74 -8.94 -13.53
N ARG A 324 -4.78 -8.13 -14.00
CA ARG A 324 -3.47 -8.64 -14.38
C ARG A 324 -2.54 -9.09 -13.25
N CYS A 325 -2.79 -8.64 -12.02
CA CYS A 325 -1.85 -8.80 -10.94
C CYS A 325 -1.28 -10.20 -10.83
N PRO A 326 -2.12 -11.23 -10.75
CA PRO A 326 -1.58 -12.61 -10.65
C PRO A 326 -0.63 -12.97 -11.79
N LEU A 327 -0.95 -12.51 -12.99
CA LEU A 327 -0.14 -12.83 -14.19
C LEU A 327 1.15 -12.01 -14.18
N VAL A 328 1.11 -10.82 -13.59
CA VAL A 328 2.30 -10.02 -13.38
C VAL A 328 3.25 -10.78 -12.45
N ILE A 329 2.69 -11.45 -11.46
CA ILE A 329 3.48 -12.24 -10.55
C ILE A 329 4.17 -13.40 -11.26
N ASP A 330 3.46 -14.12 -12.14
CA ASP A 330 4.07 -15.28 -12.82
C ASP A 330 5.22 -14.73 -13.63
N TYR A 331 5.05 -13.56 -14.23
CA TYR A 331 6.14 -12.86 -14.92
C TYR A 331 7.30 -12.52 -14.02
N LEU A 332 7.04 -11.96 -12.84
CA LEU A 332 8.11 -11.53 -11.99
C LEU A 332 8.90 -12.74 -11.49
N ILE A 333 8.22 -13.83 -11.28
CA ILE A 333 8.84 -14.99 -10.70
C ILE A 333 9.83 -15.50 -11.75
N ASP A 334 9.36 -15.59 -12.99
CA ASP A 334 10.24 -15.94 -14.09
C ASP A 334 11.40 -14.98 -14.29
N LEU A 335 11.19 -13.68 -14.10
CA LEU A 335 12.28 -12.70 -14.26
C LEU A 335 13.33 -12.81 -13.16
N ALA A 336 12.90 -13.14 -11.94
CA ALA A 336 13.86 -13.34 -10.86
C ALA A 336 14.74 -14.54 -11.19
N THR A 337 14.12 -15.59 -11.70
CA THR A 337 14.85 -16.78 -12.10
C THR A 337 15.85 -16.49 -13.21
N ARG A 338 15.41 -15.88 -14.30
CA ARG A 338 16.30 -15.64 -15.45
C ARG A 338 17.40 -14.64 -15.18
N SER A 339 17.14 -13.68 -14.30
CA SER A 339 18.10 -12.63 -13.99
C SER A 339 18.85 -12.94 -12.71
N ARG A 340 18.57 -14.12 -12.12
CA ARG A 340 19.22 -14.61 -10.91
C ARG A 340 19.23 -13.63 -9.74
N ARG A 341 18.06 -13.33 -9.21
CA ARG A 341 17.97 -12.40 -8.08
C ARG A 341 16.75 -12.64 -7.29
N ARG A 342 16.71 -12.06 -6.12
CA ARG A 342 15.52 -12.03 -5.34
C ARG A 342 15.00 -10.61 -5.52
N LEU A 343 13.79 -10.47 -6.03
CA LEU A 343 13.13 -9.18 -6.17
C LEU A 343 12.39 -8.81 -4.88
N MET A 344 12.45 -7.54 -4.51
CA MET A 344 11.59 -7.02 -3.45
C MET A 344 10.27 -6.58 -4.07
N ILE A 345 9.17 -7.25 -3.72
CA ILE A 345 7.88 -6.94 -4.34
C ILE A 345 6.87 -6.43 -3.33
N ARG A 346 6.50 -5.15 -3.48
CA ARG A 346 5.49 -4.54 -2.65
C ARG A 346 4.12 -4.79 -3.22
N LEU A 347 3.28 -5.51 -2.48
CA LEU A 347 1.91 -5.72 -2.88
C LEU A 347 1.01 -4.71 -2.16
N VAL A 348 0.31 -3.94 -2.99
CA VAL A 348 -0.68 -3.01 -2.57
C VAL A 348 -1.98 -3.36 -3.21
N LYS A 349 -3.06 -2.77 -2.68
CA LYS A 349 -4.36 -2.97 -3.26
C LYS A 349 -4.50 -2.07 -4.48
N GLY A 350 -4.18 -0.78 -4.31
CA GLY A 350 -4.04 0.18 -5.39
C GLY A 350 -4.70 1.50 -5.06
N ALA A 351 -4.06 2.60 -5.49
CA ALA A 351 -4.42 3.94 -5.08
C ALA A 351 -5.25 4.77 -6.06
N TYR A 352 -5.43 4.30 -7.29
CA TYR A 352 -6.02 5.13 -8.33
C TYR A 352 -7.38 4.61 -8.80
N TRP A 353 -8.16 3.99 -7.92
CA TRP A 353 -9.36 3.28 -8.36
C TRP A 353 -10.40 4.21 -9.02
N ASP A 354 -10.69 5.35 -8.40
CA ASP A 354 -11.71 6.27 -8.93
C ASP A 354 -11.35 6.68 -10.36
N SER A 355 -10.09 7.04 -10.60
CA SER A 355 -9.62 7.43 -11.91
C SER A 355 -9.59 6.24 -12.85
N GLU A 356 -9.23 5.06 -12.38
CA GLU A 356 -9.25 3.91 -13.28
C GLU A 356 -10.67 3.69 -13.89
N ILE A 357 -11.71 3.92 -13.07
CA ILE A 357 -13.10 3.67 -13.44
C ILE A 357 -13.54 4.75 -14.43
N LYS A 358 -13.27 6.02 -14.11
CA LYS A 358 -13.65 7.13 -15.00
C LYS A 358 -12.98 6.94 -16.35
N ARG A 359 -11.69 6.68 -16.29
CA ARG A 359 -10.88 6.51 -17.48
C ARG A 359 -11.44 5.45 -18.43
N ALA A 360 -11.74 4.25 -17.93
CA ALA A 360 -12.26 3.15 -18.74
C ALA A 360 -13.67 3.46 -19.27
N GLN A 361 -14.40 4.27 -18.51
CA GLN A 361 -15.76 4.66 -18.87
C GLN A 361 -15.76 5.67 -20.01
N MET A 362 -14.69 6.45 -20.13
CA MET A 362 -14.56 7.44 -21.19
C MET A 362 -14.03 6.80 -22.47
N ASP A 363 -13.21 5.76 -22.35
CA ASP A 363 -12.71 5.02 -23.51
C ASP A 363 -13.76 4.07 -24.11
N GLY A 364 -14.80 3.76 -23.33
CA GLY A 364 -15.79 2.79 -23.76
C GLY A 364 -15.19 1.48 -24.30
N LEU A 365 -14.29 0.87 -23.51
CA LEU A 365 -13.66 -0.40 -23.93
C LEU A 365 -14.43 -1.61 -23.39
N GLU A 366 -14.02 -2.80 -23.81
CA GLU A 366 -14.75 -4.04 -23.46
C GLU A 366 -15.00 -4.22 -21.93
N GLY A 367 -14.10 -3.69 -21.09
CA GLY A 367 -14.29 -3.78 -19.63
C GLY A 367 -13.32 -2.97 -18.79
N TYR A 368 -13.33 -3.23 -17.48
CA TYR A 368 -12.45 -2.53 -16.55
C TYR A 368 -11.14 -3.31 -16.30
N PRO A 369 -10.02 -2.60 -16.21
CA PRO A 369 -8.76 -3.26 -15.82
C PRO A 369 -8.64 -3.50 -14.30
N VAL A 370 -9.57 -2.95 -13.53
CA VAL A 370 -9.60 -3.17 -12.10
C VAL A 370 -10.94 -3.77 -11.74
N TYR A 371 -11.03 -4.35 -10.53
CA TYR A 371 -12.25 -4.88 -9.99
C TYR A 371 -13.18 -3.70 -9.68
N THR A 372 -14.50 -3.96 -9.59
CA THR A 372 -15.51 -2.93 -9.28
C THR A 372 -16.15 -3.10 -7.93
N ARG A 373 -16.00 -4.28 -7.33
CA ARG A 373 -16.31 -4.45 -5.92
C ARG A 373 -15.05 -4.62 -5.07
N LYS A 374 -15.03 -3.88 -3.95
CA LYS A 374 -13.87 -3.81 -3.09
C LYS A 374 -13.45 -5.18 -2.59
N VAL A 375 -14.44 -6.00 -2.25
CA VAL A 375 -14.22 -7.34 -1.75
C VAL A 375 -13.45 -8.23 -2.73
N TYR A 376 -13.62 -7.97 -4.02
CA TYR A 376 -12.87 -8.70 -5.05
C TYR A 376 -11.39 -8.31 -5.03
N THR A 377 -11.10 -7.04 -4.78
CA THR A 377 -9.72 -6.61 -4.54
C THR A 377 -9.14 -7.32 -3.33
N ASP A 378 -9.92 -7.49 -2.28
CA ASP A 378 -9.44 -8.17 -1.06
C ASP A 378 -9.06 -9.62 -1.38
N VAL A 379 -9.91 -10.31 -2.13
CA VAL A 379 -9.65 -11.67 -2.58
C VAL A 379 -8.40 -11.78 -3.43
N SER A 380 -8.20 -10.79 -4.28
CA SER A 380 -7.09 -10.77 -5.22
C SER A 380 -5.75 -10.65 -4.45
N TYR A 381 -5.70 -9.72 -3.50
CA TYR A 381 -4.60 -9.55 -2.59
C TYR A 381 -4.21 -10.82 -1.88
N LEU A 382 -5.17 -11.51 -1.27
CA LEU A 382 -4.92 -12.81 -0.68
C LEU A 382 -4.39 -13.86 -1.64
N ALA A 383 -5.02 -14.06 -2.81
CA ALA A 383 -4.46 -14.98 -3.80
C ALA A 383 -3.03 -14.59 -4.20
N CYS A 384 -2.79 -13.29 -4.40
CA CYS A 384 -1.46 -12.84 -4.83
C CYS A 384 -0.48 -13.03 -3.71
N ALA A 385 -0.93 -12.84 -2.48
CA ALA A 385 -0.08 -13.02 -1.35
C ALA A 385 0.44 -14.45 -1.21
N LYS A 386 -0.42 -15.46 -1.43
CA LYS A 386 0.00 -16.87 -1.35
C LYS A 386 1.05 -17.16 -2.40
N LYS A 387 0.82 -16.66 -3.61
CA LYS A 387 1.76 -16.78 -4.71
C LYS A 387 3.13 -16.17 -4.36
N LEU A 388 3.15 -15.04 -3.68
CA LEU A 388 4.42 -14.39 -3.38
C LEU A 388 5.16 -15.15 -2.29
N LEU A 389 4.43 -15.69 -1.32
CA LEU A 389 5.01 -16.36 -0.20
C LEU A 389 5.54 -17.75 -0.49
N ALA A 390 5.11 -18.34 -1.61
CA ALA A 390 5.52 -19.66 -2.04
C ALA A 390 6.93 -19.71 -2.64
N VAL A 391 7.47 -18.58 -3.05
CA VAL A 391 8.77 -18.51 -3.71
C VAL A 391 9.79 -17.59 -2.96
N PRO A 392 10.13 -17.92 -1.70
CA PRO A 392 11.04 -17.10 -0.89
C PRO A 392 12.43 -16.94 -1.47
N ASN A 393 12.83 -17.84 -2.38
CA ASN A 393 14.14 -17.70 -3.01
C ASN A 393 14.18 -16.63 -4.11
N LEU A 394 12.99 -16.25 -4.59
CA LEU A 394 12.82 -15.45 -5.80
C LEU A 394 12.20 -14.10 -5.52
N ILE A 395 11.49 -14.00 -4.41
CA ILE A 395 10.78 -12.76 -4.05
C ILE A 395 10.79 -12.52 -2.54
N TYR A 396 11.08 -11.28 -2.15
CA TYR A 396 10.90 -10.79 -0.77
C TYR A 396 9.61 -9.97 -0.77
N PRO A 397 8.52 -10.53 -0.26
CA PRO A 397 7.23 -9.84 -0.33
C PRO A 397 7.16 -8.74 0.73
N GLN A 398 6.60 -7.60 0.36
CA GLN A 398 6.38 -6.45 1.20
C GLN A 398 4.91 -6.10 1.18
N PHE A 399 4.17 -6.48 2.20
CA PHE A 399 2.73 -6.47 2.18
C PHE A 399 2.22 -5.18 2.81
N ALA A 400 1.81 -4.29 1.93
CA ALA A 400 1.39 -2.97 2.25
C ALA A 400 -0.09 -3.02 2.53
N THR A 401 -0.52 -2.75 3.76
CA THR A 401 -1.94 -2.67 4.13
C THR A 401 -2.18 -2.02 5.53
N HIS A 402 -3.36 -1.42 5.71
CA HIS A 402 -3.83 -0.85 6.96
C HIS A 402 -5.04 -1.62 7.51
N ASN A 403 -5.36 -2.75 6.88
CA ASN A 403 -6.57 -3.53 7.13
C ASN A 403 -6.16 -4.68 8.05
N ALA A 404 -6.84 -4.75 9.20
CA ALA A 404 -6.47 -5.71 10.24
C ALA A 404 -6.73 -7.13 9.76
N HIS A 405 -7.75 -7.35 8.94
CA HIS A 405 -7.98 -8.72 8.47
C HIS A 405 -6.84 -9.10 7.52
N THR A 406 -6.53 -8.21 6.58
CA THR A 406 -5.53 -8.46 5.58
C THR A 406 -4.16 -8.84 6.18
N LEU A 407 -3.78 -8.09 7.20
CA LEU A 407 -2.56 -8.30 7.94
C LEU A 407 -2.61 -9.67 8.61
N ALA A 408 -3.70 -9.94 9.34
CA ALA A 408 -3.81 -11.20 10.08
C ALA A 408 -3.73 -12.40 9.12
N ALA A 409 -4.42 -12.30 7.99
CA ALA A 409 -4.40 -13.38 6.98
C ALA A 409 -2.98 -13.63 6.48
N ILE A 410 -2.25 -12.58 6.12
CA ILE A 410 -0.85 -12.73 5.70
C ILE A 410 -0.01 -13.36 6.81
N TYR A 411 -0.18 -12.87 8.02
CA TYR A 411 0.56 -13.38 9.15
C TYR A 411 0.41 -14.88 9.24
N GLN A 412 -0.83 -15.35 9.16
CA GLN A 412 -1.11 -16.81 9.20
C GLN A 412 -0.64 -17.54 7.95
N LEU A 413 -0.91 -16.96 6.80
CA LEU A 413 -0.52 -17.53 5.51
C LEU A 413 0.97 -17.74 5.36
N ALA A 414 1.76 -16.89 6.05
CA ALA A 414 3.21 -16.97 5.92
C ALA A 414 3.78 -18.22 6.63
N GLY A 415 2.92 -18.98 7.30
CA GLY A 415 3.34 -20.20 8.00
C GLY A 415 4.04 -19.95 9.33
N GLN A 416 4.36 -21.02 9.99
CA GLN A 416 5.20 -20.96 11.20
C GLN A 416 6.66 -20.79 10.82
N ASN A 417 7.48 -20.46 11.79
CA ASN A 417 8.89 -20.38 11.54
C ASN A 417 9.20 -19.17 10.67
N TYR A 418 8.63 -18.05 11.07
CA TYR A 418 9.04 -16.76 10.57
C TYR A 418 10.56 -16.53 10.76
N TYR A 419 11.18 -15.89 9.76
CA TYR A 419 12.54 -15.33 9.83
C TYR A 419 12.50 -13.96 9.16
N PRO A 420 13.24 -13.00 9.69
CA PRO A 420 13.07 -11.57 9.29
C PRO A 420 13.00 -11.25 7.79
N GLY A 421 13.89 -11.94 7.06
CA GLY A 421 13.97 -11.86 5.62
C GLY A 421 12.96 -12.69 4.87
N GLN A 422 11.96 -13.25 5.56
CA GLN A 422 10.87 -13.95 4.85
C GLN A 422 9.96 -12.95 4.18
N TYR A 423 9.57 -11.92 4.94
CA TYR A 423 8.71 -10.85 4.44
C TYR A 423 8.62 -9.71 5.46
N GLU A 424 8.07 -8.58 5.05
CA GLU A 424 7.72 -7.52 5.98
C GLU A 424 6.34 -6.96 5.60
N PHE A 425 5.76 -6.20 6.53
CA PHE A 425 4.60 -5.37 6.31
C PHE A 425 5.06 -3.98 5.96
N GLN A 426 4.18 -3.23 5.31
CA GLN A 426 4.42 -1.81 5.03
C GLN A 426 3.15 -0.96 5.33
N CYS A 427 3.32 0.32 5.63
CA CYS A 427 2.19 1.21 5.83
C CYS A 427 2.56 2.62 5.47
N LEU A 428 1.57 3.49 5.35
CA LEU A 428 1.80 4.91 5.04
C LEU A 428 1.97 5.70 6.33
N HIS A 429 2.92 6.63 6.30
CA HIS A 429 3.09 7.56 7.39
C HIS A 429 1.77 8.28 7.60
N GLY A 430 1.29 8.27 8.84
CA GLY A 430 0.06 8.94 9.25
C GLY A 430 -1.17 8.06 9.19
N MET A 431 -0.99 6.81 8.76
CA MET A 431 -2.14 5.91 8.65
C MET A 431 -1.97 4.58 9.37
N GLY A 432 -0.76 4.07 9.50
CA GLY A 432 -0.58 2.70 9.95
C GLY A 432 -0.10 2.54 11.38
N GLU A 433 0.39 3.61 11.97
CA GLU A 433 1.14 3.54 13.24
C GLU A 433 0.35 2.80 14.34
N PRO A 434 -0.93 3.12 14.49
CA PRO A 434 -1.75 2.46 15.53
C PRO A 434 -1.97 0.98 15.32
N LEU A 435 -2.13 0.56 14.07
CA LEU A 435 -2.24 -0.87 13.81
C LEU A 435 -0.90 -1.54 14.09
N TYR A 436 0.18 -0.92 13.62
CA TYR A 436 1.48 -1.57 13.62
C TYR A 436 2.27 -1.42 14.93
N GLU A 437 1.79 -0.58 15.85
CA GLU A 437 2.37 -0.55 17.21
C GLU A 437 2.04 -1.82 17.94
N GLN A 438 1.00 -2.54 17.48
CA GLN A 438 0.69 -3.89 17.95
C GLN A 438 1.47 -5.01 17.22
N VAL A 439 2.28 -4.67 16.22
CA VAL A 439 2.78 -5.68 15.29
C VAL A 439 4.29 -5.72 15.40
N THR A 440 4.93 -4.59 15.13
CA THR A 440 6.37 -4.44 15.23
C THR A 440 6.82 -4.26 16.69
N GLY A 441 7.64 -5.18 17.16
CA GLY A 441 8.24 -5.08 18.47
C GLY A 441 8.33 -6.42 19.15
N LYS A 442 8.77 -6.45 20.40
CA LYS A 442 8.99 -7.72 21.11
C LYS A 442 7.69 -8.39 21.50
N VAL A 443 7.66 -9.72 21.40
CA VAL A 443 6.54 -10.52 21.90
C VAL A 443 6.27 -10.30 23.40
N ALA A 444 7.32 -10.06 24.18
CA ALA A 444 7.15 -9.91 25.64
C ALA A 444 6.39 -8.62 25.98
N ASP A 445 6.34 -7.69 25.01
CA ASP A 445 5.54 -6.47 25.11
C ASP A 445 4.18 -6.58 24.43
N GLY A 446 3.73 -7.81 24.16
CA GLY A 446 2.46 -8.06 23.48
C GLY A 446 2.41 -7.80 21.98
N LYS A 447 3.55 -7.72 21.30
CA LYS A 447 3.54 -7.44 19.85
C LYS A 447 3.80 -8.75 19.06
N LEU A 448 3.55 -8.71 17.75
CA LEU A 448 3.72 -9.89 16.92
C LEU A 448 5.17 -10.17 16.50
N ASN A 449 6.06 -9.19 16.65
CA ASN A 449 7.45 -9.30 16.24
C ASN A 449 7.57 -9.51 14.72
N ARG A 450 6.94 -8.62 13.96
CA ARG A 450 7.06 -8.58 12.50
C ARG A 450 7.40 -7.18 12.09
N PRO A 451 8.42 -6.99 11.25
CA PRO A 451 8.86 -5.66 10.87
C PRO A 451 7.89 -4.96 9.94
N CYS A 452 7.81 -3.65 10.09
CA CYS A 452 7.01 -2.82 9.25
C CYS A 452 7.83 -1.68 8.68
N ARG A 453 7.75 -1.49 7.36
CA ARG A 453 8.40 -0.35 6.68
C ARG A 453 7.39 0.73 6.37
N ILE A 454 7.65 1.93 6.89
CA ILE A 454 6.75 3.06 6.79
C ILE A 454 7.19 3.76 5.55
N TYR A 455 6.23 4.08 4.71
CA TYR A 455 6.42 4.88 3.51
C TYR A 455 6.27 6.37 3.88
N ALA A 456 7.33 7.13 3.64
CA ALA A 456 7.56 8.45 4.20
C ALA A 456 7.65 9.51 3.11
N PRO A 457 6.53 10.16 2.79
CA PRO A 457 6.55 11.26 1.84
C PRO A 457 7.37 12.43 2.36
N VAL A 458 8.16 13.01 1.47
CA VAL A 458 9.04 14.11 1.81
C VAL A 458 8.86 15.22 0.78
N GLY A 459 8.53 16.42 1.24
CA GLY A 459 8.43 17.57 0.36
C GLY A 459 7.65 18.76 0.92
N THR A 460 7.71 19.88 0.20
CA THR A 460 6.98 21.08 0.58
C THR A 460 5.55 21.04 0.04
N HIS A 461 4.76 22.08 0.34
CA HIS A 461 3.35 22.15 -0.05
C HIS A 461 3.11 22.12 -1.57
N GLU A 462 4.13 22.48 -2.35
CA GLU A 462 4.04 22.53 -3.82
C GLU A 462 4.03 21.16 -4.49
N THR A 463 4.36 20.10 -3.75
CA THR A 463 4.46 18.76 -4.28
C THR A 463 3.46 17.80 -3.65
N LEU A 464 2.52 18.33 -2.87
CA LEU A 464 1.67 17.50 -2.03
C LEU A 464 0.35 17.06 -2.65
N LEU A 465 -0.15 17.84 -3.60
CA LEU A 465 -1.57 17.80 -3.93
C LEU A 465 -2.07 16.40 -4.35
N ALA A 466 -1.39 15.76 -5.30
CA ALA A 466 -1.89 14.52 -5.88
C ALA A 466 -1.92 13.38 -4.84
N TYR A 467 -0.84 13.29 -4.08
CA TYR A 467 -0.76 12.36 -2.96
C TYR A 467 -1.90 12.59 -1.94
N LEU A 468 -2.13 13.84 -1.53
CA LEU A 468 -3.18 14.16 -0.57
C LEU A 468 -4.54 13.71 -1.05
N VAL A 469 -4.84 14.04 -2.29
CA VAL A 469 -6.14 13.71 -2.86
C VAL A 469 -6.31 12.18 -2.82
N ARG A 470 -5.29 11.41 -3.18
CA ARG A 470 -5.41 9.95 -3.07
C ARG A 470 -5.66 9.49 -1.63
N ARG A 471 -4.99 10.14 -0.66
CA ARG A 471 -5.25 9.88 0.77
C ARG A 471 -6.69 10.27 1.16
N LEU A 472 -7.23 11.36 0.61
CA LEU A 472 -8.62 11.71 0.94
C LEU A 472 -9.60 10.67 0.43
N LEU A 473 -9.42 10.19 -0.80
CA LEU A 473 -10.31 9.14 -1.35
C LEU A 473 -10.23 7.85 -0.53
N GLU A 474 -9.04 7.49 -0.08
CA GLU A 474 -8.85 6.25 0.67
C GLU A 474 -9.52 6.31 2.05
N ASN A 475 -9.25 7.41 2.77
CA ASN A 475 -9.76 7.62 4.13
C ASN A 475 -11.25 7.87 4.22
N GLY A 476 -11.81 8.50 3.18
CA GLY A 476 -13.20 8.92 3.19
C GLY A 476 -14.20 7.97 2.50
N ALA A 477 -13.71 6.90 1.87
CA ALA A 477 -14.57 5.90 1.22
C ALA A 477 -15.17 4.96 2.26
N ASN A 478 -16.47 4.70 2.16
CA ASN A 478 -17.18 3.87 3.15
C ASN A 478 -16.79 2.37 3.07
N THR A 479 -16.17 1.97 1.95
CA THR A 479 -15.59 0.62 1.81
C THR A 479 -14.22 0.46 2.44
N SER A 480 -13.50 1.57 2.61
CA SER A 480 -12.20 1.52 3.26
C SER A 480 -12.28 1.09 4.73
N PHE A 481 -11.38 0.17 5.09
CA PHE A 481 -11.22 -0.28 6.45
C PHE A 481 -10.93 0.83 7.47
N VAL A 482 -10.13 1.84 7.10
CA VAL A 482 -9.79 2.93 8.04
C VAL A 482 -11.02 3.78 8.37
N ASN A 483 -11.95 3.83 7.43
CA ASN A 483 -13.22 4.52 7.56
C ASN A 483 -14.23 3.72 8.38
N ARG A 484 -14.29 2.42 8.13
CA ARG A 484 -15.21 1.53 8.79
C ARG A 484 -14.82 1.18 10.23
N ILE A 485 -13.54 1.33 10.58
CA ILE A 485 -13.07 1.06 11.94
C ILE A 485 -13.61 2.15 12.87
N ALA A 486 -13.74 3.37 12.35
CA ALA A 486 -14.32 4.50 13.06
C ALA A 486 -15.83 4.29 13.32
N ASP A 487 -16.53 3.74 12.33
CA ASP A 487 -17.97 3.47 12.34
C ASP A 487 -18.40 2.54 13.48
N THR A 488 -18.80 3.13 14.60
CA THR A 488 -19.03 2.35 15.82
C THR A 488 -20.29 1.48 15.71
N SER A 489 -21.17 1.82 14.77
CA SER A 489 -22.36 1.03 14.47
C SER A 489 -22.01 -0.32 13.85
N LEU A 490 -20.96 -0.37 13.02
CA LEU A 490 -20.53 -1.61 12.36
C LEU A 490 -19.75 -2.48 13.35
N PRO A 491 -20.21 -3.69 13.62
CA PRO A 491 -19.53 -4.54 14.61
C PRO A 491 -18.23 -5.12 14.07
N LEU A 492 -17.37 -5.55 15.01
CA LEU A 492 -16.07 -6.07 14.69
C LEU A 492 -16.10 -7.24 13.73
N ASP A 493 -17.04 -8.16 13.91
CA ASP A 493 -17.08 -9.36 13.09
C ASP A 493 -17.32 -9.05 11.63
N GLU A 494 -18.18 -8.07 11.36
CA GLU A 494 -18.44 -7.66 9.98
C GLU A 494 -17.24 -6.93 9.36
N LEU A 495 -16.53 -6.15 10.18
CA LEU A 495 -15.34 -5.41 9.75
C LEU A 495 -14.20 -6.32 9.29
N VAL A 496 -13.91 -7.33 10.11
CA VAL A 496 -12.87 -8.30 9.80
C VAL A 496 -13.36 -9.56 9.11
N ALA A 497 -14.49 -9.49 8.42
CA ALA A 497 -15.05 -10.67 7.79
C ALA A 497 -14.13 -11.14 6.70
N ASP A 498 -14.03 -12.45 6.56
CA ASP A 498 -13.21 -13.05 5.52
C ASP A 498 -13.80 -12.71 4.15
N PRO A 499 -13.00 -12.14 3.25
CA PRO A 499 -13.48 -11.75 1.92
C PRO A 499 -13.88 -12.86 0.97
N VAL A 500 -13.25 -14.02 0.97
CA VAL A 500 -13.72 -15.15 0.16
C VAL A 500 -15.18 -15.53 0.55
N THR A 501 -15.41 -15.69 1.84
CA THR A 501 -16.71 -15.94 2.43
C THR A 501 -17.72 -14.84 2.06
N ALA A 502 -17.29 -13.58 2.03
CA ALA A 502 -18.15 -12.51 1.52
C ALA A 502 -18.49 -12.71 0.03
N VAL A 503 -17.57 -13.21 -0.76
CA VAL A 503 -17.83 -13.35 -2.20
C VAL A 503 -18.76 -14.51 -2.49
N GLU A 504 -18.63 -15.58 -1.72
CA GLU A 504 -19.55 -16.72 -1.80
C GLU A 504 -20.95 -16.34 -1.30
N LYS A 505 -21.03 -15.47 -0.31
CA LYS A 505 -22.29 -15.00 0.23
C LYS A 505 -23.02 -14.14 -0.80
N LEU A 506 -22.28 -13.24 -1.46
CA LEU A 506 -22.83 -12.48 -2.57
C LEU A 506 -23.27 -13.39 -3.71
N ALA A 507 -22.48 -14.42 -4.00
CA ALA A 507 -22.75 -15.34 -5.10
C ALA A 507 -24.05 -16.14 -4.91
N GLN A 508 -24.36 -16.49 -3.66
CA GLN A 508 -25.53 -17.29 -3.32
C GLN A 508 -26.77 -16.38 -3.44
N GLN A 509 -26.59 -15.13 -3.10
CA GLN A 509 -27.66 -14.14 -3.14
C GLN A 509 -27.98 -13.66 -4.55
N GLU A 510 -27.00 -13.64 -5.45
CA GLU A 510 -27.15 -13.04 -6.78
C GLU A 510 -27.22 -14.05 -7.94
N GLY A 511 -26.85 -15.29 -7.67
CA GLY A 511 -26.94 -16.36 -8.64
C GLY A 511 -25.65 -16.66 -9.38
N GLN A 512 -24.58 -15.92 -9.11
CA GLN A 512 -23.32 -16.05 -9.85
C GLN A 512 -22.15 -15.41 -9.09
N THR A 513 -20.97 -16.03 -9.22
CA THR A 513 -19.77 -15.53 -8.56
C THR A 513 -19.10 -14.39 -9.35
N GLY A 514 -18.77 -13.31 -8.65
CA GLY A 514 -17.96 -12.27 -9.23
C GLY A 514 -18.70 -11.32 -10.16
N LEU A 515 -19.99 -11.08 -9.89
CA LEU A 515 -20.75 -10.14 -10.71
C LEU A 515 -20.20 -8.76 -10.40
N PRO A 516 -20.15 -7.86 -11.39
CA PRO A 516 -19.70 -6.48 -11.17
C PRO A 516 -20.51 -5.71 -10.16
N HIS A 517 -20.04 -4.54 -9.79
CA HIS A 517 -20.80 -3.71 -8.88
C HIS A 517 -22.12 -3.33 -9.59
N PRO A 518 -23.24 -3.36 -8.87
CA PRO A 518 -24.54 -3.03 -9.48
C PRO A 518 -24.58 -1.61 -10.06
N LYS A 519 -23.94 -0.64 -9.40
CA LYS A 519 -23.90 0.74 -9.87
C LYS A 519 -22.76 1.07 -10.83
N ILE A 520 -21.94 0.07 -11.18
CA ILE A 520 -20.85 0.27 -12.14
C ILE A 520 -21.00 -0.72 -13.30
N PRO A 521 -21.84 -0.35 -14.25
CA PRO A 521 -22.05 -1.18 -15.44
C PRO A 521 -20.83 -1.05 -16.37
N LEU A 522 -20.70 -2.01 -17.29
CA LEU A 522 -19.62 -2.03 -18.26
C LEU A 522 -19.59 -0.70 -19.00
N PRO A 523 -18.40 -0.21 -19.38
CA PRO A 523 -18.28 1.09 -20.06
C PRO A 523 -19.27 1.30 -21.22
N ARG A 524 -19.61 0.24 -21.94
CA ARG A 524 -20.52 0.31 -23.10
C ARG A 524 -22.05 0.39 -22.81
N ASP A 525 -22.47 0.63 -21.57
CA ASP A 525 -23.90 0.84 -21.24
C ASP A 525 -24.17 2.26 -20.75
PA FAD B . -8.59 -1.57 2.43
O1A FAD B . -9.58 -0.54 2.88
O2A FAD B . -8.72 -2.92 2.92
O5B FAD B . -8.69 -1.58 0.84
C5B FAD B . -8.74 -0.27 0.23
C4B FAD B . -8.98 -0.28 -1.27
O4B FAD B . -9.49 -1.33 -1.99
C3B FAD B . -8.75 0.92 -2.18
O3B FAD B . -7.49 1.56 -1.91
C2B FAD B . -8.73 0.28 -3.56
O2B FAD B . -7.47 -0.31 -3.84
C1B FAD B . -9.62 -0.92 -3.39
N9A FAD B . -11.02 -0.55 -3.67
C8A FAD B . -11.78 0.40 -3.09
N7A FAD B . -13.00 0.34 -3.65
C5A FAD B . -13.02 -0.63 -4.58
C6A FAD B . -13.99 -1.14 -5.46
N6A FAD B . -15.26 -0.67 -5.57
N1A FAD B . -13.59 -2.19 -6.28
C2A FAD B . -12.28 -2.67 -6.21
N3A FAD B . -11.40 -2.18 -5.38
C4A FAD B . -11.75 -1.19 -4.58
N1 FAD B . -0.76 2.35 -4.28
C2 FAD B . -0.46 2.31 -5.62
O2 FAD B . -1.36 2.18 -6.43
N3 FAD B . 0.85 2.33 -6.02
C4 FAD B . 1.89 2.43 -5.09
O4 FAD B . 3.04 2.45 -5.53
C4X FAD B . 1.56 2.53 -3.73
N5 FAD B . 2.53 2.66 -2.74
C5X FAD B . 2.20 2.32 -1.44
C6 FAD B . 3.20 2.00 -0.53
C7 FAD B . 2.83 1.63 0.76
C7M FAD B . 3.97 1.29 1.72
C8 FAD B . 1.48 1.56 1.14
C8M FAD B . 1.05 1.16 2.52
C9 FAD B . 0.48 1.87 0.23
C9A FAD B . 0.85 2.26 -1.06
N10 FAD B . -0.10 2.56 -2.02
C10 FAD B . 0.23 2.46 -3.34
C1' FAD B . -1.45 2.97 -1.59
C2' FAD B . -2.23 1.70 -1.33
O2' FAD B . -2.56 1.13 -2.61
C3' FAD B . -3.46 2.01 -0.50
O3' FAD B . -3.05 2.41 0.81
C4' FAD B . -4.25 0.73 -0.31
O4' FAD B . -4.96 0.39 -1.52
C5' FAD B . -5.21 0.81 0.90
O5' FAD B . -5.50 -0.57 1.13
P FAD B . -5.69 -1.23 2.50
O1P FAD B . -5.50 -2.69 2.38
O2P FAD B . -4.95 -0.52 3.53
O3P FAD B . -7.26 -0.84 2.79
S SO2 C . 0.45 6.38 -3.44
O1 SO2 C . -0.95 6.85 -3.64
O2 SO2 C . 1.44 7.36 -4.08
#